data_3E3Z
#
_entry.id   3E3Z
#
_cell.length_a   106.122
_cell.length_b   49.722
_cell.length_c   36.902
_cell.angle_alpha   90.000
_cell.angle_beta   108.840
_cell.angle_gamma   90.000
#
_symmetry.space_group_name_H-M   'C 1 2 1'
#
loop_
_entity.id
_entity.type
_entity.pdbx_description
1 polymer 'ATP synthase subunit s, mitochondrial'
2 non-polymer 'MAGNESIUM ION'
3 non-polymer 2-AMINO-2-HYDROXYMETHYL-PROPANE-1,3-DIOL
4 non-polymer 'Phenylarsine oxide'
5 water water
#
_entity_poly.entity_id   1
_entity_poly.type   'polypeptide(L)'
_entity_poly.pdbx_seq_one_letter_code
;SFWEWLNAVFNKVDHDRIRDVGPDRAASEWLLRCGAMVRYHGQQRWQKDYNHLPTGPLDKYKIQAIDATDSCIMSIGFDH
MEGLQYVEKIRLCKCHYIEDGCLERLSQLENLQKSMLEMEIISCGNVTDKGIIALHHFRNLKYLFLSDLPGVKEKEKIVQ
AFKTSLPSLELKLDLK
;
_entity_poly.pdbx_strand_id   A
#
loop_
_chem_comp.id
_chem_comp.type
_chem_comp.name
_chem_comp.formula
MG non-polymer 'MAGNESIUM ION' 'Mg 2'
PA0 non-polymer 'Phenylarsine oxide' 'C6 H5 As O'
TRS non-polymer 2-AMINO-2-HYDROXYMETHYL-PROPANE-1,3-DIOL 'C4 H12 N O3 1'
#
# COMPACT_ATOMS: atom_id res chain seq x y z
N SER A 1 25.17 4.19 4.78
CA SER A 1 25.30 3.16 5.85
C SER A 1 24.80 1.81 5.40
N PHE A 2 25.18 0.81 6.17
CA PHE A 2 24.83 -0.57 5.85
C PHE A 2 23.31 -0.75 5.93
N TRP A 3 22.72 -0.19 6.97
CA TRP A 3 21.27 -0.40 7.22
C TRP A 3 20.45 0.34 6.15
N GLU A 4 20.98 1.45 5.67
CA GLU A 4 20.36 2.19 4.57
C GLU A 4 20.37 1.39 3.27
N TRP A 5 21.51 0.78 3.01
CA TRP A 5 21.67 -0.04 1.82
C TRP A 5 20.72 -1.25 1.91
N LEU A 6 20.65 -1.80 3.10
CA LEU A 6 19.87 -3.02 3.31
C LEU A 6 18.40 -2.71 3.02
N ASN A 7 17.94 -1.58 3.51
CA ASN A 7 16.53 -1.24 3.29
C ASN A 7 16.27 -0.99 1.83
N ALA A 8 17.25 -0.40 1.16
CA ALA A 8 17.09 -0.09 -0.23
C ALA A 8 17.01 -1.36 -1.07
N VAL A 9 17.84 -2.33 -0.74
CA VAL A 9 17.88 -3.55 -1.51
C VAL A 9 16.67 -4.46 -1.21
N PHE A 10 16.11 -4.32 -0.01
CA PHE A 10 14.85 -5.00 0.34
C PHE A 10 13.72 -4.49 -0.55
N ASN A 11 13.85 -3.23 -0.95
CA ASN A 11 12.77 -2.53 -1.67
C ASN A 11 12.95 -2.55 -3.18
N LYS A 12 14.20 -2.62 -3.63
CA LYS A 12 14.47 -2.45 -5.07
C LYS A 12 13.80 -3.51 -5.94
N VAL A 13 13.20 -3.07 -7.03
CA VAL A 13 12.54 -3.98 -7.99
C VAL A 13 13.57 -4.72 -8.80
N ASP A 14 13.38 -6.03 -8.90
CA ASP A 14 14.14 -6.86 -9.85
C ASP A 14 13.23 -7.20 -10.99
N HIS A 15 13.48 -6.52 -12.09
CA HIS A 15 12.61 -6.62 -13.26
C HIS A 15 12.76 -7.99 -13.90
N ASP A 16 13.87 -8.66 -13.65
CA ASP A 16 14.03 -10.02 -14.20
C ASP A 16 12.98 -10.93 -13.53
N ARG A 17 12.80 -10.69 -12.25
CA ARG A 17 11.91 -11.50 -11.44
C ARG A 17 10.47 -11.27 -11.87
N ILE A 18 10.14 -10.03 -12.22
CA ILE A 18 8.80 -9.70 -12.67
C ILE A 18 8.56 -10.44 -13.98
N ARG A 19 9.59 -10.45 -14.81
CA ARG A 19 9.50 -11.15 -16.10
C ARG A 19 9.29 -12.62 -15.87
N ASP A 20 9.94 -13.17 -14.86
CA ASP A 20 10.02 -14.63 -14.69
C ASP A 20 8.76 -15.19 -14.01
N VAL A 21 8.17 -14.44 -13.07
CA VAL A 21 7.07 -15.01 -12.27
C VAL A 21 5.81 -14.15 -12.25
N GLY A 22 5.88 -13.00 -12.89
CA GLY A 22 4.76 -12.09 -12.99
C GLY A 22 4.72 -11.08 -11.85
N PRO A 23 3.99 -9.98 -12.06
CA PRO A 23 3.94 -8.89 -11.08
C PRO A 23 3.40 -9.32 -9.71
N ASP A 24 2.35 -10.13 -9.69
CA ASP A 24 1.72 -10.44 -8.37
C ASP A 24 2.64 -11.23 -7.49
N ARG A 25 3.31 -12.22 -8.08
CA ARG A 25 4.28 -12.99 -7.33
C ARG A 25 5.48 -12.15 -6.91
N ALA A 26 6.02 -11.37 -7.84
CA ALA A 26 7.18 -10.52 -7.49
C ALA A 26 6.82 -9.56 -6.38
N ALA A 27 5.64 -8.96 -6.48
CA ALA A 27 5.18 -8.03 -5.44
C ALA A 27 4.90 -8.76 -4.13
N SER A 28 4.44 -10.01 -4.21
CA SER A 28 4.19 -10.78 -2.98
C SER A 28 5.52 -10.98 -2.23
N GLU A 29 6.57 -11.31 -3.00
CA GLU A 29 7.91 -11.51 -2.47
C GLU A 29 8.47 -10.27 -1.79
N TRP A 30 8.32 -9.14 -2.49
CA TRP A 30 8.70 -7.82 -1.94
C TRP A 30 7.99 -7.54 -0.61
N LEU A 31 6.66 -7.66 -0.61
CA LEU A 31 5.88 -7.37 0.58
C LEU A 31 6.27 -8.26 1.76
N LEU A 32 6.29 -9.56 1.54
CA LEU A 32 6.57 -10.46 2.62
C LEU A 32 8.04 -10.27 3.13
N ARG A 33 8.99 -10.07 2.22
CA ARG A 33 10.38 -9.95 2.68
C ARG A 33 10.55 -8.67 3.50
N CYS A 34 9.66 -7.70 3.26
CA CYS A 34 9.67 -6.41 4.01
C CYS A 34 8.70 -6.35 5.21
N GLY A 35 8.21 -7.49 5.60
CA GLY A 35 7.41 -7.62 6.81
C GLY A 35 5.93 -7.29 6.67
N ALA A 36 5.46 -7.35 5.44
CA ALA A 36 4.05 -7.17 5.14
C ALA A 36 3.38 -8.53 4.83
N MET A 37 2.08 -8.48 4.65
CA MET A 37 1.27 -9.67 4.28
C MET A 37 0.37 -9.31 3.10
N VAL A 38 -0.01 -10.36 2.38
CA VAL A 38 -0.93 -10.21 1.25
C VAL A 38 -1.97 -11.33 1.30
N ARG A 39 -3.12 -11.05 0.69
CA ARG A 39 -4.16 -12.04 0.54
C ARG A 39 -4.63 -12.04 -0.91
N TYR A 40 -4.66 -13.24 -1.49
CA TYR A 40 -5.09 -13.40 -2.89
C TYR A 40 -6.59 -13.45 -3.09
N HIS A 41 -7.00 -12.93 -4.22
CA HIS A 41 -8.35 -13.18 -4.71
C HIS A 41 -8.67 -14.67 -4.59
N GLY A 42 -9.80 -14.94 -3.97
CA GLY A 42 -10.33 -16.32 -3.92
C GLY A 42 -9.92 -17.05 -2.67
N GLN A 43 -9.07 -16.42 -1.88
CA GLN A 43 -8.58 -17.04 -0.65
C GLN A 43 -8.98 -16.27 0.59
N GLN A 44 -9.40 -17.04 1.60
CA GLN A 44 -9.73 -16.52 2.92
C GLN A 44 -8.47 -16.24 3.74
N ARG A 45 -7.48 -17.10 3.62
CA ARG A 45 -6.24 -17.02 4.41
C ARG A 45 -5.20 -16.09 3.77
N TRP A 46 -4.41 -15.48 4.66
CA TRP A 46 -3.35 -14.55 4.27
C TRP A 46 -2.01 -15.23 4.14
N GLN A 47 -1.19 -14.68 3.24
CA GLN A 47 0.23 -15.09 3.12
C GLN A 47 1.02 -14.24 4.09
N LYS A 48 1.67 -14.90 5.04
CA LYS A 48 2.45 -14.15 6.03
C LYS A 48 3.91 -14.56 6.21
N ASP A 49 4.24 -15.76 5.80
CA ASP A 49 5.60 -16.24 5.90
CA ASP A 49 5.62 -16.27 5.84
C ASP A 49 6.15 -16.48 4.45
N TYR A 50 7.22 -15.76 4.14
CA TYR A 50 7.82 -15.72 2.84
C TYR A 50 7.97 -17.13 2.24
N ASN A 51 8.40 -18.02 3.09
CA ASN A 51 8.80 -19.38 2.65
C ASN A 51 7.58 -20.25 2.32
N HIS A 52 6.40 -19.71 2.62
CA HIS A 52 5.16 -20.48 2.42
C HIS A 52 4.31 -19.94 1.27
N LEU A 53 4.88 -19.01 0.51
CA LEU A 53 4.23 -18.53 -0.71
C LEU A 53 3.99 -19.69 -1.68
N PRO A 54 2.88 -19.66 -2.42
CA PRO A 54 2.60 -20.78 -3.29
C PRO A 54 3.61 -20.92 -4.38
N THR A 55 3.87 -22.17 -4.75
CA THR A 55 4.79 -22.46 -5.83
C THR A 55 4.00 -22.36 -7.11
N GLY A 56 2.89 -23.08 -7.08
CA GLY A 56 1.66 -22.83 -7.86
C GLY A 56 1.74 -22.67 -9.36
N PRO A 57 0.57 -22.46 -10.00
CA PRO A 57 0.54 -22.11 -11.41
C PRO A 57 1.06 -20.69 -11.61
N LEU A 58 1.81 -20.56 -12.71
CA LEU A 58 2.43 -19.28 -13.10
C LEU A 58 1.41 -18.14 -13.21
N ASP A 59 1.55 -17.19 -12.30
CA ASP A 59 0.80 -15.94 -12.31
C ASP A 59 -0.69 -16.16 -12.08
N LYS A 60 -1.05 -17.25 -11.41
CA LYS A 60 -2.47 -17.53 -11.14
C LYS A 60 -3.03 -16.70 -9.98
N TYR A 61 -2.22 -16.58 -8.94
CA TYR A 61 -2.62 -15.87 -7.70
C TYR A 61 -2.47 -14.37 -7.85
N LYS A 62 -3.56 -13.66 -7.56
CA LYS A 62 -3.68 -12.21 -7.72
C LYS A 62 -3.95 -11.54 -6.40
N ILE A 63 -3.13 -10.54 -6.07
CA ILE A 63 -3.26 -9.85 -4.79
C ILE A 63 -4.54 -9.05 -4.77
N GLN A 64 -5.34 -9.31 -3.76
CA GLN A 64 -6.59 -8.55 -3.49
C GLN A 64 -6.42 -7.54 -2.37
N ALA A 65 -5.68 -7.94 -1.36
CA ALA A 65 -5.49 -7.17 -0.15
C ALA A 65 -4.04 -7.23 0.34
N ILE A 66 -3.60 -6.10 0.87
CA ILE A 66 -2.27 -5.94 1.43
C ILE A 66 -2.40 -5.38 2.86
N ASP A 67 -1.63 -5.98 3.76
CA ASP A 67 -1.53 -5.47 5.14
C ASP A 67 -0.08 -5.38 5.54
N ALA A 68 0.42 -4.15 5.45
CA ALA A 68 1.82 -3.83 5.77
C ALA A 68 1.85 -3.19 7.11
N THR A 69 2.10 -4.02 8.12
CA THR A 69 2.17 -3.56 9.49
C THR A 69 3.58 -3.83 10.00
N ASP A 70 4.22 -2.82 10.57
CA ASP A 70 5.59 -2.98 11.09
C ASP A 70 6.49 -3.47 9.97
N SER A 71 6.36 -2.78 8.84
CA SER A 71 6.99 -3.14 7.58
C SER A 71 8.00 -2.07 7.14
N CYS A 72 9.02 -2.52 6.42
CA CYS A 72 10.06 -1.62 5.90
C CYS A 72 9.89 -1.19 4.46
N ILE A 73 8.69 -1.35 3.93
CA ILE A 73 8.42 -0.87 2.58
C ILE A 73 8.58 0.64 2.49
N MET A 74 9.13 1.08 1.35
CA MET A 74 9.19 2.51 1.11
C MET A 74 9.53 2.82 -0.34
N SER A 75 9.12 4.02 -0.73
CA SER A 75 9.50 4.71 -1.98
C SER A 75 9.52 3.78 -3.18
N ILE A 76 10.70 3.59 -3.77
CA ILE A 76 10.73 2.85 -5.05
C ILE A 76 10.35 1.37 -4.94
N GLY A 77 10.17 0.88 -3.72
CA GLY A 77 9.62 -0.47 -3.53
C GLY A 77 8.22 -0.54 -4.13
N PHE A 78 7.51 0.57 -4.08
CA PHE A 78 6.11 0.62 -4.58
C PHE A 78 6.00 0.46 -6.10
N ASP A 79 7.14 0.52 -6.77
CA ASP A 79 7.19 0.24 -8.21
C ASP A 79 6.82 -1.21 -8.51
N HIS A 80 6.87 -2.04 -7.48
CA HIS A 80 6.44 -3.44 -7.60
C HIS A 80 4.93 -3.49 -7.87
N MET A 81 4.25 -2.40 -7.51
CA MET A 81 2.78 -2.35 -7.63
C MET A 81 2.32 -2.06 -9.04
N GLU A 82 3.27 -1.70 -9.90
CA GLU A 82 2.88 -1.18 -11.19
C GLU A 82 2.02 -2.11 -12.03
N GLY A 83 2.32 -3.41 -11.97
CA GLY A 83 1.65 -4.37 -12.84
C GLY A 83 0.46 -5.09 -12.21
N LEU A 84 0.11 -4.68 -11.01
CA LEU A 84 -0.99 -5.34 -10.28
C LEU A 84 -2.33 -4.77 -10.69
N GLN A 85 -3.24 -5.67 -11.07
CA GLN A 85 -4.52 -5.27 -11.66
C GLN A 85 -5.74 -5.33 -10.73
N TYR A 86 -5.62 -6.06 -9.61
CA TYR A 86 -6.76 -6.45 -8.81
C TYR A 86 -6.71 -6.06 -7.32
N VAL A 87 -5.82 -5.14 -6.99
CA VAL A 87 -5.65 -4.75 -5.57
C VAL A 87 -6.81 -3.84 -5.13
N GLU A 88 -7.54 -4.27 -4.12
CA GLU A 88 -8.73 -3.56 -3.64
C GLU A 88 -8.58 -2.92 -2.25
N LYS A 89 -7.69 -3.49 -1.47
CA LYS A 89 -7.51 -3.10 -0.06
C LYS A 89 -6.05 -2.98 0.30
N ILE A 90 -5.68 -1.86 0.92
CA ILE A 90 -4.33 -1.68 1.48
C ILE A 90 -4.38 -1.05 2.84
N ARG A 91 -3.72 -1.72 3.78
N ARG A 91 -3.66 -1.69 3.74
CA ARG A 91 -3.46 -1.14 5.11
CA ARG A 91 -3.45 -1.19 5.09
C ARG A 91 -1.97 -0.89 5.24
C ARG A 91 -1.97 -0.91 5.27
N LEU A 92 -1.66 0.33 5.63
CA LEU A 92 -0.30 0.75 6.00
C LEU A 92 -0.36 1.14 7.47
N CYS A 93 0.32 0.36 8.30
CA CYS A 93 0.28 0.56 9.73
C CYS A 93 1.68 0.40 10.36
N LYS A 94 2.12 1.42 11.08
CA LYS A 94 3.45 1.37 11.68
C LYS A 94 4.51 1.05 10.63
N CYS A 95 4.37 1.76 9.51
CA CYS A 95 5.35 1.76 8.42
C CYS A 95 6.20 3.03 8.55
N HIS A 96 7.33 2.87 9.23
CA HIS A 96 8.08 4.02 9.72
C HIS A 96 8.88 4.68 8.64
N TYR A 97 9.02 4.00 7.51
CA TYR A 97 9.79 4.55 6.37
C TYR A 97 8.96 5.19 5.28
N ILE A 98 7.64 5.02 5.34
CA ILE A 98 6.70 5.60 4.33
C ILE A 98 6.66 7.10 4.51
N GLU A 99 6.61 7.78 3.37
CA GLU A 99 6.51 9.24 3.31
C GLU A 99 5.41 9.68 2.35
N ASP A 100 5.17 10.97 2.33
CA ASP A 100 4.25 11.53 1.35
C ASP A 100 4.60 11.08 -0.06
N GLY A 101 5.89 11.00 -0.37
CA GLY A 101 6.31 10.63 -1.73
C GLY A 101 5.90 9.20 -2.10
N CYS A 102 5.83 8.34 -1.10
CA CYS A 102 5.37 6.96 -1.29
C CYS A 102 3.90 6.95 -1.68
N LEU A 103 3.12 7.75 -0.96
CA LEU A 103 1.68 7.82 -1.22
C LEU A 103 1.41 8.49 -2.58
N GLU A 104 2.22 9.47 -2.91
CA GLU A 104 2.16 10.07 -4.25
C GLU A 104 2.41 9.09 -5.36
N ARG A 105 3.47 8.33 -5.21
CA ARG A 105 3.86 7.30 -6.14
C ARG A 105 2.72 6.26 -6.30
N LEU A 106 2.13 5.87 -5.18
CA LEU A 106 1.00 4.92 -5.23
C LEU A 106 -0.17 5.50 -5.98
N SER A 107 -0.46 6.76 -5.67
CA SER A 107 -1.68 7.42 -6.14
C SER A 107 -1.69 7.56 -7.67
N GLN A 108 -0.48 7.53 -8.25
CA GLN A 108 -0.27 7.76 -9.68
C GLN A 108 -0.27 6.50 -10.52
N LEU A 109 -0.44 5.36 -9.85
CA LEU A 109 -0.49 4.09 -10.57
C LEU A 109 -1.92 3.87 -11.06
N GLU A 110 -2.10 3.95 -12.38
CA GLU A 110 -3.44 3.92 -12.97
C GLU A 110 -4.13 2.62 -12.64
N ASN A 111 -3.33 1.58 -12.59
CA ASN A 111 -3.88 0.23 -12.29
C ASN A 111 -4.52 0.19 -10.90
N LEU A 112 -3.92 0.93 -9.96
CA LEU A 112 -4.46 0.99 -8.62
C LEU A 112 -5.64 1.93 -8.57
N GLN A 113 -5.59 2.99 -9.36
CA GLN A 113 -6.70 3.93 -9.35
C GLN A 113 -7.98 3.20 -9.75
N LYS A 114 -7.84 2.27 -10.68
CA LYS A 114 -8.98 1.55 -11.26
C LYS A 114 -9.59 0.56 -10.26
N SER A 115 -8.76 0.00 -9.41
CA SER A 115 -9.14 -1.13 -8.51
C SER A 115 -9.39 -0.85 -7.05
N MET A 116 -8.74 0.18 -6.54
CA MET A 116 -8.70 0.41 -5.10
C MET A 116 -10.04 0.82 -4.54
N LEU A 117 -10.45 0.12 -3.49
CA LEU A 117 -11.72 0.37 -2.78
C LEU A 117 -11.58 0.81 -1.32
N GLU A 118 -10.53 0.32 -0.66
CA GLU A 118 -10.35 0.60 0.77
CA GLU A 118 -10.35 0.63 0.77
C GLU A 118 -8.90 0.82 1.10
N MET A 119 -8.66 1.86 1.87
CA MET A 119 -7.32 2.13 2.36
C MET A 119 -7.31 2.56 3.82
N GLU A 120 -6.29 2.08 4.52
CA GLU A 120 -6.08 2.44 5.89
C GLU A 120 -4.62 2.85 6.11
N ILE A 121 -4.47 3.98 6.79
CA ILE A 121 -3.11 4.48 7.12
C ILE A 121 -3.06 4.87 8.59
N ILE A 122 -2.30 4.12 9.32
CA ILE A 122 -2.29 4.15 10.79
C ILE A 122 -0.88 4.21 11.34
N SER A 123 -0.62 5.22 12.15
CA SER A 123 0.68 5.26 12.88
C SER A 123 1.91 5.23 11.97
N CYS A 124 1.79 5.97 10.86
CA CYS A 124 2.87 6.25 9.94
C CYS A 124 3.31 7.70 10.13
N GLY A 125 4.37 7.88 10.90
CA GLY A 125 4.67 9.19 11.48
C GLY A 125 5.10 10.27 10.51
N ASN A 126 5.63 9.88 9.36
CA ASN A 126 6.08 10.88 8.37
C ASN A 126 4.96 11.50 7.53
N VAL A 127 3.82 10.81 7.49
CA VAL A 127 2.75 11.16 6.52
C VAL A 127 2.14 12.49 6.89
N THR A 128 1.97 13.35 5.90
CA THR A 128 1.31 14.65 6.10
C THR A 128 0.08 14.80 5.27
N ASP A 129 -0.55 15.94 5.45
CA ASP A 129 -1.71 16.32 4.65
C ASP A 129 -1.48 16.13 3.16
N LYS A 130 -0.24 16.37 2.71
CA LYS A 130 0.08 16.36 1.27
C LYS A 130 -0.07 14.96 0.76
N GLY A 131 0.38 14.03 1.56
CA GLY A 131 0.35 12.64 1.15
C GLY A 131 -1.07 12.10 1.16
N ILE A 132 -1.85 12.54 2.12
CA ILE A 132 -3.25 12.08 2.21
C ILE A 132 -4.04 12.60 1.01
N ILE A 133 -3.87 13.89 0.74
CA ILE A 133 -4.59 14.53 -0.39
C ILE A 133 -4.33 13.83 -1.73
N ALA A 134 -3.15 13.27 -1.90
CA ALA A 134 -2.78 12.59 -3.13
C ALA A 134 -3.69 11.41 -3.42
N LEU A 135 -4.34 10.91 -2.37
CA LEU A 135 -5.12 9.66 -2.48
C LEU A 135 -6.42 9.93 -3.23
N HIS A 136 -6.73 11.21 -3.45
CA HIS A 136 -7.96 11.56 -4.17
C HIS A 136 -7.96 10.95 -5.57
N HIS A 137 -6.78 10.57 -6.08
CA HIS A 137 -6.70 9.93 -7.40
C HIS A 137 -7.25 8.52 -7.41
N PHE A 138 -7.42 7.94 -6.24
CA PHE A 138 -8.06 6.65 -6.12
C PHE A 138 -9.59 6.88 -6.18
N ARG A 139 -10.04 7.03 -7.43
CA ARG A 139 -11.38 7.58 -7.71
C ARG A 139 -12.53 6.66 -7.28
N ASN A 140 -12.22 5.39 -7.10
CA ASN A 140 -13.21 4.36 -6.74
C ASN A 140 -13.20 4.05 -5.23
N LEU A 141 -12.41 4.81 -4.48
CA LEU A 141 -12.24 4.52 -3.05
C LEU A 141 -13.61 4.70 -2.34
N LYS A 142 -13.98 3.71 -1.54
CA LYS A 142 -15.22 3.72 -0.74
C LYS A 142 -14.97 3.96 0.75
N TYR A 143 -13.78 3.60 1.20
CA TYR A 143 -13.44 3.72 2.61
C TYR A 143 -12.01 4.10 2.79
N LEU A 144 -11.82 5.10 3.65
CA LEU A 144 -10.48 5.57 4.01
C LEU A 144 -10.45 5.82 5.51
N PHE A 145 -9.54 5.14 6.16
CA PHE A 145 -9.34 5.19 7.61
C PHE A 145 -7.96 5.78 7.86
N LEU A 146 -7.92 6.90 8.59
CA LEU A 146 -6.65 7.54 9.01
C LEU A 146 -6.58 7.62 10.52
N SER A 147 -5.48 7.14 11.07
CA SER A 147 -5.30 7.07 12.52
C SER A 147 -3.88 7.37 12.95
N ASP A 148 -3.75 8.22 13.98
CA ASP A 148 -2.41 8.43 14.62
C ASP A 148 -1.37 8.81 13.57
N LEU A 149 -1.71 9.88 12.87
CA LEU A 149 -0.84 10.52 11.85
C LEU A 149 -0.47 11.94 12.30
N PRO A 150 0.57 12.05 13.11
CA PRO A 150 0.83 13.33 13.75
C PRO A 150 1.22 14.42 12.74
N GLY A 151 1.62 14.00 11.57
CA GLY A 151 1.97 14.92 10.49
C GLY A 151 0.82 15.54 9.75
N VAL A 152 -0.37 14.97 9.98
CA VAL A 152 -1.61 15.46 9.39
C VAL A 152 -2.20 16.49 10.32
N LYS A 153 -1.99 17.75 9.94
CA LYS A 153 -2.27 18.92 10.79
C LYS A 153 -3.58 19.62 10.47
N GLU A 154 -4.17 19.34 9.31
CA GLU A 154 -5.36 20.09 8.84
C GLU A 154 -6.50 19.16 8.42
N LYS A 155 -6.91 18.36 9.38
CA LYS A 155 -7.89 17.29 9.14
C LYS A 155 -9.21 17.81 8.59
N GLU A 156 -9.59 19.00 9.01
CA GLU A 156 -10.88 19.53 8.58
C GLU A 156 -10.82 19.82 7.09
N LYS A 157 -9.66 20.23 6.62
CA LYS A 157 -9.49 20.58 5.21
C LYS A 157 -9.43 19.32 4.35
N ILE A 158 -9.00 18.24 4.99
CA ILE A 158 -8.96 16.92 4.33
C ILE A 158 -10.37 16.44 4.16
N VAL A 159 -11.16 16.59 5.22
CA VAL A 159 -12.58 16.21 5.18
C VAL A 159 -13.29 16.95 4.03
N GLN A 160 -12.99 18.23 3.88
CA GLN A 160 -13.64 19.05 2.86
C GLN A 160 -13.10 18.75 1.48
N ALA A 161 -11.82 18.40 1.42
CA ALA A 161 -11.19 18.07 0.16
C ALA A 161 -11.86 16.82 -0.42
N PHE A 162 -12.05 15.83 0.44
CA PHE A 162 -12.60 14.54 -0.01
C PHE A 162 -14.10 14.68 -0.30
N LYS A 163 -14.72 15.63 0.39
CA LYS A 163 -16.17 15.82 0.24
C LYS A 163 -16.53 16.16 -1.19
N THR A 164 -15.64 16.90 -1.83
CA THR A 164 -15.88 17.33 -3.19
C THR A 164 -15.30 16.32 -4.18
N SER A 165 -14.08 15.85 -3.90
CA SER A 165 -13.31 15.00 -4.84
C SER A 165 -13.76 13.54 -4.83
N LEU A 166 -14.22 13.09 -3.67
CA LEU A 166 -14.75 11.73 -3.49
C LEU A 166 -16.02 11.74 -2.64
N PRO A 167 -17.11 12.24 -3.20
CA PRO A 167 -18.32 12.46 -2.41
C PRO A 167 -18.93 11.23 -1.79
N SER A 168 -18.62 10.05 -2.32
CA SER A 168 -19.20 8.80 -1.80
C SER A 168 -18.26 8.11 -0.80
N LEU A 169 -17.14 8.76 -0.55
CA LEU A 169 -16.14 8.17 0.37
C LEU A 169 -16.61 8.20 1.83
N GLU A 170 -16.52 7.04 2.46
CA GLU A 170 -16.64 6.92 3.92
C GLU A 170 -15.25 7.14 4.54
N LEU A 171 -15.13 8.29 5.19
CA LEU A 171 -13.89 8.75 5.82
C LEU A 171 -13.95 8.63 7.33
N LYS A 172 -13.09 7.77 7.85
CA LYS A 172 -12.99 7.56 9.29
C LYS A 172 -11.68 8.14 9.80
N LEU A 173 -11.80 9.05 10.75
CA LEU A 173 -10.64 9.78 11.24
C LEU A 173 -10.45 9.55 12.73
N ASP A 174 -9.30 9.02 13.10
CA ASP A 174 -8.88 8.94 14.50
C ASP A 174 -7.60 9.78 14.58
N LEU A 175 -7.77 11.08 14.49
CA LEU A 175 -6.63 12.01 14.41
C LEU A 175 -6.72 13.08 15.45
N LYS A 176 -5.59 13.34 16.09
N LYS A 176 -5.55 13.42 15.97
CA LYS A 176 -5.52 14.42 17.09
CA LYS A 176 -5.43 14.59 16.84
C LYS A 176 -5.77 15.77 16.37
C LYS A 176 -5.68 15.86 16.02
MG MG B . 4.16 -7.24 9.47
C TRS C . -13.90 -2.78 6.60
C1 TRS C . -13.47 -2.04 7.86
C2 TRS C . -12.78 -3.68 6.10
C3 TRS C . -14.37 -1.74 5.58
N TRS C . -15.02 -3.67 6.91
O1 TRS C . -13.11 -2.98 8.84
O2 TRS C . -13.03 -4.15 4.79
O3 TRS C . -15.54 -1.07 6.03
AS7 PA0 D . 12.87 -5.07 6.58
C1 PA0 D . 13.95 -4.25 6.76
C2 PA0 D . 15.04 -4.28 5.89
C3 PA0 D . 16.11 -3.43 6.07
C4 PA0 D . 16.13 -2.53 7.13
C5 PA0 D . 15.06 -2.49 8.02
C6 PA0 D . 13.99 -3.35 7.83
#